data_7NXL
#
_entry.id   7NXL
#
_cell.length_a   32.366
_cell.length_b   71.819
_cell.length_c   80.771
_cell.angle_alpha   90.000
_cell.angle_beta   90.000
_cell.angle_gamma   90.000
#
_symmetry.space_group_name_H-M   'P 2 21 21'
#
loop_
_entity.id
_entity.type
_entity.pdbx_description
1 polymer 'Cathepsin K'
2 non-polymer 'SULFATE ION'
3 non-polymer 'tert-butyl (1-((4-(dibenzylamino)-4-oxobutyl)amino)-4-methyl-1-oxopentan-2-yl)carbamate'
4 water water
#
_entity_poly.entity_id   1
_entity_poly.type   'polypeptide(L)'
_entity_poly.pdbx_seq_one_letter_code
;RAPDSVDYRKKGYVTPVKNQGQCGSCWAFSSVGALEGQLKKKTGKLLNLSPQNLVDCVSENDGCGGGYMTNAFQYVQKNR
GIDSEDAYPYVGQEESCMYNPTGKAAKCRGYREIPEGNEKALKRAVARVGPVSVAIDASLTSFQFYSKGVYYDESCNSDN
LNHAVLAVGYGIQKGNKHWIIKNSWGENWGNKGYILMARNKNNACGIANLASFPKM
;
_entity_poly.pdbx_strand_id   AAA
#
# COMPACT_ATOMS: atom_id res chain seq x y z
N ARG A 1 -18.70 -14.59 8.58
CA ARG A 1 -18.42 -13.20 8.17
C ARG A 1 -17.09 -12.72 8.80
N ALA A 2 -16.32 -11.92 8.05
CA ALA A 2 -15.16 -11.16 8.57
C ALA A 2 -15.68 -10.15 9.58
N PRO A 3 -14.83 -9.67 10.50
CA PRO A 3 -15.32 -8.71 11.49
C PRO A 3 -15.91 -7.46 10.79
N ASP A 4 -16.67 -6.66 11.53
CA ASP A 4 -17.34 -5.46 10.98
C ASP A 4 -16.29 -4.35 10.80
N SER A 5 -15.23 -4.41 11.60
CA SER A 5 -14.12 -3.44 11.49
CA SER A 5 -14.12 -3.42 11.61
C SER A 5 -12.80 -4.17 11.78
N VAL A 6 -11.75 -3.70 11.11
CA VAL A 6 -10.41 -4.30 11.23
C VAL A 6 -9.46 -3.11 11.15
N ASP A 7 -8.47 -3.07 12.04
CA ASP A 7 -7.47 -1.98 11.99
C ASP A 7 -6.12 -2.59 12.32
N TYR A 8 -5.31 -2.86 11.31
CA TYR A 8 -4.01 -3.53 11.51
C TYR A 8 -3.02 -2.63 12.23
N ARG A 9 -3.25 -1.32 12.27
CA ARG A 9 -2.41 -0.42 13.12
C ARG A 9 -2.47 -0.85 14.58
N LYS A 10 -3.64 -1.21 15.09
CA LYS A 10 -3.83 -1.66 16.50
C LYS A 10 -3.04 -2.93 16.79
N LYS A 11 -2.78 -3.75 15.77
CA LYS A 11 -2.10 -5.05 15.96
C LYS A 11 -0.60 -4.95 15.64
N GLY A 12 -0.06 -3.76 15.33
CA GLY A 12 1.40 -3.60 15.16
C GLY A 12 1.88 -4.12 13.81
N TYR A 13 1.00 -4.18 12.82
CA TYR A 13 1.35 -4.69 11.48
C TYR A 13 1.79 -3.52 10.57
N VAL A 14 1.72 -2.28 11.03
CA VAL A 14 1.91 -1.13 10.13
C VAL A 14 3.01 -0.20 10.68
N THR A 15 3.97 0.08 9.81
CA THR A 15 5.12 0.98 10.07
C THR A 15 4.67 2.42 9.94
N PRO A 16 5.50 3.38 10.41
CA PRO A 16 5.14 4.79 10.34
C PRO A 16 4.93 5.23 8.89
N VAL A 17 4.14 6.27 8.75
CA VAL A 17 3.86 6.91 7.44
C VAL A 17 5.17 7.47 6.89
N LYS A 18 5.42 7.20 5.62
CA LYS A 18 6.60 7.68 4.87
C LYS A 18 6.23 8.83 3.95
N ASN A 19 7.27 9.51 3.46
CA ASN A 19 7.16 10.63 2.50
C ASN A 19 7.96 10.26 1.23
N GLN A 20 7.27 10.01 0.11
CA GLN A 20 7.93 9.64 -1.15
C GLN A 20 8.78 10.82 -1.71
N GLY A 21 8.51 12.08 -1.34
CA GLY A 21 9.24 13.22 -1.90
C GLY A 21 8.87 13.44 -3.35
N GLN A 22 9.77 14.00 -4.15
CA GLN A 22 9.51 14.32 -5.58
C GLN A 22 9.85 13.12 -6.44
N CYS A 23 9.19 12.01 -6.18
CA CYS A 23 9.42 10.74 -6.91
C CYS A 23 8.08 10.03 -7.01
N GLY A 24 7.69 9.58 -8.19
CA GLY A 24 6.46 8.77 -8.38
C GLY A 24 6.65 7.35 -7.89
N SER A 25 6.98 7.17 -6.62
CA SER A 25 7.36 5.88 -6.00
C SER A 25 6.23 5.34 -5.09
N CYS A 26 5.02 5.91 -5.19
CA CYS A 26 3.82 5.45 -4.43
C CYS A 26 3.74 3.91 -4.52
N TRP A 27 3.92 3.33 -5.71
CA TRP A 27 3.81 1.87 -5.95
C TRP A 27 4.80 1.12 -5.06
N ALA A 28 5.99 1.69 -4.82
CA ALA A 28 7.07 1.06 -4.02
C ALA A 28 6.71 1.10 -2.52
N PHE A 29 6.13 2.21 -2.05
CA PHE A 29 5.62 2.34 -0.67
C PHE A 29 4.44 1.40 -0.43
N SER A 30 3.47 1.38 -1.33
CA SER A 30 2.32 0.44 -1.29
C SER A 30 2.85 -0.99 -1.11
N SER A 31 3.76 -1.40 -2.01
CA SER A 31 4.36 -2.76 -2.06
C SER A 31 5.05 -3.04 -0.73
N VAL A 32 5.91 -2.16 -0.24
CA VAL A 32 6.64 -2.47 1.03
C VAL A 32 5.61 -2.51 2.16
N GLY A 33 4.56 -1.68 2.14
CA GLY A 33 3.58 -1.72 3.23
C GLY A 33 2.95 -3.09 3.34
N ALA A 34 2.61 -3.68 2.22
CA ALA A 34 1.93 -5.00 2.17
C ALA A 34 2.94 -6.08 2.62
N LEU A 35 4.21 -5.96 2.24
CA LEU A 35 5.25 -6.94 2.65
C LEU A 35 5.54 -6.79 4.14
N GLU A 36 5.61 -5.56 4.67
CA GLU A 36 5.76 -5.28 6.12
C GLU A 36 4.63 -5.92 6.95
N GLY A 37 3.41 -5.98 6.40
CA GLY A 37 2.27 -6.60 7.08
C GLY A 37 2.49 -8.09 7.22
N GLN A 38 2.82 -8.76 6.10
CA GLN A 38 2.96 -10.22 6.04
C GLN A 38 4.14 -10.63 6.93
N LEU A 39 5.21 -9.83 6.94
CA LEU A 39 6.40 -10.05 7.78
C LEU A 39 6.01 -9.96 9.27
N LYS A 40 5.22 -8.96 9.66
CA LYS A 40 4.81 -8.89 11.07
C LYS A 40 4.01 -10.14 11.39
N LYS A 41 3.14 -10.57 10.47
CA LYS A 41 2.15 -11.64 10.73
C LYS A 41 2.92 -12.95 10.92
N LYS A 42 3.95 -13.18 10.10
CA LYS A 42 4.63 -14.49 9.98
C LYS A 42 5.83 -14.57 10.92
N THR A 43 6.41 -13.47 11.38
CA THR A 43 7.65 -13.51 12.19
C THR A 43 7.43 -12.84 13.55
N GLY A 44 6.38 -12.03 13.67
CA GLY A 44 6.15 -11.19 14.85
C GLY A 44 6.99 -9.94 14.87
N LYS A 45 7.80 -9.70 13.83
CA LYS A 45 8.70 -8.52 13.71
C LYS A 45 8.03 -7.42 12.87
N LEU A 46 7.97 -6.19 13.37
CA LEU A 46 7.58 -4.99 12.60
C LEU A 46 8.86 -4.24 12.21
N LEU A 47 9.22 -4.20 10.93
CA LEU A 47 10.37 -3.35 10.52
CA LEU A 47 10.43 -3.47 10.45
C LEU A 47 10.14 -2.71 9.15
N ASN A 48 10.80 -1.56 8.98
CA ASN A 48 10.72 -0.81 7.71
C ASN A 48 11.47 -1.60 6.65
N LEU A 49 10.82 -1.99 5.56
CA LEU A 49 11.49 -2.57 4.37
C LEU A 49 11.84 -1.43 3.38
N SER A 50 12.52 -1.73 2.28
CA SER A 50 13.22 -0.74 1.42
C SER A 50 12.44 -0.44 0.14
N PRO A 51 11.76 0.72 0.07
CA PRO A 51 11.14 1.14 -1.18
C PRO A 51 12.20 1.45 -2.25
N GLN A 52 13.37 1.98 -1.82
CA GLN A 52 14.46 2.38 -2.77
C GLN A 52 14.94 1.13 -3.52
N ASN A 53 15.05 0.00 -2.83
CA ASN A 53 15.43 -1.32 -3.42
C ASN A 53 14.51 -1.53 -4.61
N LEU A 54 13.19 -1.26 -4.46
CA LEU A 54 12.23 -1.55 -5.56
C LEU A 54 12.39 -0.48 -6.64
N VAL A 55 12.45 0.80 -6.24
CA VAL A 55 12.56 1.94 -7.20
C VAL A 55 13.73 1.62 -8.16
N ASP A 56 14.90 1.30 -7.59
CA ASP A 56 16.16 1.20 -8.37
C ASP A 56 16.23 -0.14 -9.11
N CYS A 57 15.60 -1.20 -8.61
CA CYS A 57 15.88 -2.58 -9.08
C CYS A 57 14.68 -3.20 -9.82
N VAL A 58 13.43 -2.79 -9.57
CA VAL A 58 12.32 -3.42 -10.35
C VAL A 58 12.40 -2.91 -11.80
N SER A 59 13.09 -3.64 -12.68
CA SER A 59 13.30 -3.22 -14.09
C SER A 59 11.99 -3.24 -14.90
N GLU A 60 10.95 -3.97 -14.47
CA GLU A 60 9.62 -3.95 -15.13
C GLU A 60 8.84 -2.70 -14.74
N ASN A 61 9.23 -2.00 -13.68
CA ASN A 61 8.65 -0.68 -13.33
C ASN A 61 9.57 0.45 -13.84
N ASP A 62 9.12 1.70 -13.67
CA ASP A 62 9.73 2.92 -14.27
C ASP A 62 10.30 3.81 -13.15
N GLY A 63 10.79 3.23 -12.06
CA GLY A 63 11.40 3.99 -10.95
C GLY A 63 10.53 5.12 -10.45
N CYS A 64 11.02 6.37 -10.54
CA CYS A 64 10.25 7.57 -10.11
C CYS A 64 9.16 7.94 -11.11
N GLY A 65 9.13 7.25 -12.25
CA GLY A 65 8.15 7.46 -13.31
C GLY A 65 6.92 6.58 -13.12
N GLY A 66 6.88 5.75 -12.09
CA GLY A 66 5.67 4.96 -11.76
C GLY A 66 5.87 3.48 -11.93
N GLY A 67 4.85 2.71 -11.57
CA GLY A 67 5.02 1.26 -11.45
C GLY A 67 3.79 0.55 -10.95
N TYR A 68 3.82 -0.76 -10.94
CA TYR A 68 2.77 -1.64 -10.40
C TYR A 68 3.35 -2.47 -9.24
N MET A 69 2.51 -2.65 -8.25
CA MET A 69 2.78 -3.43 -7.05
C MET A 69 3.01 -4.89 -7.48
N THR A 70 2.19 -5.44 -8.41
CA THR A 70 2.38 -6.86 -8.84
C THR A 70 3.83 -7.06 -9.34
N ASN A 71 4.31 -6.14 -10.17
CA ASN A 71 5.68 -6.17 -10.73
C ASN A 71 6.68 -6.24 -9.59
N ALA A 72 6.46 -5.44 -8.55
CA ALA A 72 7.36 -5.38 -7.38
C ALA A 72 7.38 -6.72 -6.64
N PHE A 73 6.22 -7.31 -6.40
CA PHE A 73 6.16 -8.59 -5.67
C PHE A 73 6.88 -9.68 -6.46
N GLN A 74 6.71 -9.72 -7.79
CA GLN A 74 7.40 -10.67 -8.72
C GLN A 74 8.91 -10.45 -8.61
N TYR A 75 9.37 -9.20 -8.46
CA TYR A 75 10.81 -8.92 -8.38
C TYR A 75 11.32 -9.47 -7.05
N VAL A 76 10.58 -9.28 -5.98
CA VAL A 76 11.09 -9.71 -4.66
C VAL A 76 11.15 -11.25 -4.66
N GLN A 77 10.23 -11.89 -5.40
CA GLN A 77 10.19 -13.36 -5.60
C GLN A 77 11.45 -13.80 -6.36
N LYS A 78 11.59 -13.39 -7.61
CA LYS A 78 12.76 -13.72 -8.47
C LYS A 78 14.05 -13.41 -7.70
N ASN A 79 14.19 -12.21 -7.13
CA ASN A 79 15.45 -11.74 -6.48
C ASN A 79 15.75 -12.52 -5.20
N ARG A 80 14.78 -13.30 -4.68
CA ARG A 80 14.90 -14.13 -3.45
CA ARG A 80 14.96 -14.13 -3.46
C ARG A 80 15.10 -13.21 -2.23
N GLY A 81 14.67 -11.95 -2.32
CA GLY A 81 14.69 -11.11 -1.13
C GLY A 81 14.41 -9.64 -1.36
N ILE A 82 14.13 -8.91 -0.28
CA ILE A 82 14.08 -7.42 -0.24
C ILE A 82 14.89 -6.98 0.98
N ASP A 83 15.64 -5.89 0.82
CA ASP A 83 16.46 -5.31 1.91
C ASP A 83 15.55 -4.59 2.87
N SER A 84 16.03 -4.44 4.09
CA SER A 84 15.48 -3.51 5.11
C SER A 84 15.73 -2.08 4.62
N GLU A 85 14.94 -1.13 5.11
CA GLU A 85 15.16 0.32 4.88
C GLU A 85 16.57 0.66 5.39
N ASP A 86 16.91 0.14 6.56
CA ASP A 86 18.24 0.33 7.23
C ASP A 86 19.39 -0.07 6.31
N ALA A 87 19.31 -1.22 5.63
CA ALA A 87 20.34 -1.70 4.66
C ALA A 87 20.28 -0.99 3.29
N TYR A 88 19.18 -0.32 2.93
CA TYR A 88 19.02 0.25 1.57
C TYR A 88 18.12 1.47 1.69
N PRO A 89 18.65 2.60 2.22
CA PRO A 89 17.82 3.73 2.63
C PRO A 89 17.18 4.47 1.45
N TYR A 90 16.07 5.15 1.77
CA TYR A 90 15.28 5.90 0.78
C TYR A 90 16.04 7.17 0.40
N VAL A 91 16.08 7.46 -0.90
CA VAL A 91 16.66 8.72 -1.44
C VAL A 91 15.57 9.56 -2.12
N GLY A 92 14.61 8.95 -2.82
CA GLY A 92 13.56 9.73 -3.49
C GLY A 92 14.05 10.24 -4.82
N GLN A 93 15.15 9.66 -5.31
CA GLN A 93 15.56 9.75 -6.72
C GLN A 93 15.98 8.37 -7.20
N GLU A 94 15.80 8.09 -8.48
CA GLU A 94 16.15 6.76 -9.06
C GLU A 94 17.68 6.66 -9.19
N GLU A 95 18.28 5.61 -8.66
CA GLU A 95 19.75 5.34 -8.72
C GLU A 95 19.91 3.93 -9.33
N SER A 96 21.13 3.53 -9.65
CA SER A 96 21.35 2.18 -10.21
C SER A 96 21.14 1.16 -9.08
N CYS A 97 20.64 -0.01 -9.42
CA CYS A 97 20.29 -1.08 -8.43
C CYS A 97 21.49 -1.45 -7.52
N MET A 98 21.33 -1.31 -6.18
CA MET A 98 22.40 -1.62 -5.20
C MET A 98 21.87 -2.66 -4.18
N TYR A 99 21.10 -3.64 -4.65
CA TYR A 99 20.57 -4.73 -3.79
C TYR A 99 21.74 -5.47 -3.11
N ASN A 100 21.70 -5.58 -1.79
CA ASN A 100 22.74 -6.27 -1.00
C ASN A 100 22.12 -7.45 -0.24
N PRO A 101 22.46 -8.70 -0.60
CA PRO A 101 21.87 -9.87 0.05
C PRO A 101 22.01 -9.86 1.59
N THR A 102 23.11 -9.33 2.10
CA THR A 102 23.41 -9.22 3.56
C THR A 102 22.25 -8.55 4.30
N GLY A 103 21.59 -7.59 3.65
CA GLY A 103 20.56 -6.74 4.31
C GLY A 103 19.16 -7.29 4.16
N LYS A 104 18.99 -8.45 3.53
CA LYS A 104 17.68 -9.10 3.24
C LYS A 104 16.84 -9.17 4.52
N ALA A 105 15.57 -8.73 4.48
CA ALA A 105 14.69 -8.68 5.66
C ALA A 105 13.35 -9.37 5.40
N ALA A 106 13.06 -9.80 4.19
CA ALA A 106 11.79 -10.50 3.90
C ALA A 106 11.95 -11.16 2.54
N LYS A 107 11.13 -12.16 2.25
CA LYS A 107 11.02 -12.76 0.91
C LYS A 107 9.56 -12.70 0.45
N CYS A 108 9.29 -13.15 -0.76
CA CYS A 108 7.95 -13.17 -1.37
C CYS A 108 7.83 -14.43 -2.21
N ARG A 109 6.76 -15.20 -1.99
CA ARG A 109 6.52 -16.50 -2.65
C ARG A 109 5.44 -16.29 -3.72
N GLY A 110 5.24 -15.04 -4.15
CA GLY A 110 4.25 -14.64 -5.16
C GLY A 110 3.20 -13.67 -4.61
N TYR A 111 2.09 -13.58 -5.29
CA TYR A 111 1.03 -12.62 -4.92
C TYR A 111 -0.32 -13.07 -5.48
N ARG A 112 -1.35 -12.41 -5.01
CA ARG A 112 -2.74 -12.64 -5.48
C ARG A 112 -3.36 -11.29 -5.77
N GLU A 113 -4.28 -11.27 -6.75
CA GLU A 113 -5.11 -10.12 -7.10
C GLU A 113 -6.53 -10.32 -6.58
N ILE A 114 -7.13 -9.25 -6.09
CA ILE A 114 -8.58 -9.19 -5.77
C ILE A 114 -9.31 -9.11 -7.09
N PRO A 115 -10.43 -9.86 -7.25
CA PRO A 115 -11.28 -9.70 -8.42
C PRO A 115 -11.64 -8.22 -8.64
N GLU A 116 -11.51 -7.75 -9.87
CA GLU A 116 -11.62 -6.33 -10.23
C GLU A 116 -13.00 -5.81 -9.81
N GLY A 117 -12.99 -4.71 -9.09
CA GLY A 117 -14.22 -4.00 -8.70
C GLY A 117 -14.95 -4.65 -7.54
N ASN A 118 -14.41 -5.71 -6.94
CA ASN A 118 -15.14 -6.50 -5.92
C ASN A 118 -14.76 -6.05 -4.47
N GLU A 119 -15.50 -5.09 -3.90
CA GLU A 119 -15.19 -4.54 -2.55
C GLU A 119 -15.46 -5.60 -1.45
N LYS A 120 -16.36 -6.54 -1.70
CA LYS A 120 -16.66 -7.64 -0.74
C LYS A 120 -15.40 -8.48 -0.59
N ALA A 121 -14.76 -8.85 -1.71
CA ALA A 121 -13.54 -9.69 -1.73
C ALA A 121 -12.40 -8.89 -1.11
N LEU A 122 -12.32 -7.59 -1.38
CA LEU A 122 -11.25 -6.74 -0.80
C LEU A 122 -11.40 -6.74 0.71
N LYS A 123 -12.63 -6.63 1.19
CA LYS A 123 -12.89 -6.67 2.65
C LYS A 123 -12.40 -8.01 3.22
N ARG A 124 -12.79 -9.11 2.60
CA ARG A 124 -12.40 -10.47 3.09
C ARG A 124 -10.86 -10.63 3.04
N ALA A 125 -10.19 -10.16 1.97
CA ALA A 125 -8.71 -10.21 1.84
C ALA A 125 -8.08 -9.43 2.99
N VAL A 126 -8.51 -8.19 3.25
CA VAL A 126 -7.96 -7.41 4.38
C VAL A 126 -8.14 -8.19 5.69
N ALA A 127 -9.32 -8.70 5.99
CA ALA A 127 -9.56 -9.44 7.25
C ALA A 127 -8.65 -10.67 7.34
N ARG A 128 -8.58 -11.48 6.28
CA ARG A 128 -7.96 -12.83 6.26
C ARG A 128 -6.42 -12.69 6.22
N VAL A 129 -5.93 -11.74 5.43
CA VAL A 129 -4.49 -11.67 5.02
C VAL A 129 -3.77 -10.61 5.84
N GLY A 130 -4.28 -9.39 5.84
CA GLY A 130 -3.64 -8.22 6.42
C GLY A 130 -3.69 -7.07 5.42
N PRO A 131 -2.90 -5.99 5.63
CA PRO A 131 -2.88 -4.85 4.70
C PRO A 131 -2.70 -5.31 3.25
N VAL A 132 -3.50 -4.71 2.37
CA VAL A 132 -3.60 -5.00 0.92
C VAL A 132 -3.18 -3.75 0.15
N SER A 133 -2.31 -3.90 -0.84
CA SER A 133 -1.95 -2.84 -1.82
C SER A 133 -3.15 -2.52 -2.68
N VAL A 134 -3.49 -1.23 -2.81
CA VAL A 134 -4.63 -0.80 -3.68
C VAL A 134 -4.19 0.41 -4.53
N ALA A 135 -4.88 0.62 -5.66
CA ALA A 135 -4.74 1.75 -6.59
C ALA A 135 -6.02 2.56 -6.60
N ILE A 136 -5.88 3.88 -6.69
CA ILE A 136 -7.03 4.82 -6.62
C ILE A 136 -6.77 5.96 -7.61
N ASP A 137 -7.83 6.65 -7.96
CA ASP A 137 -7.76 8.04 -8.50
C ASP A 137 -7.60 8.99 -7.30
N ALA A 138 -6.42 9.55 -7.14
CA ALA A 138 -6.04 10.54 -6.12
C ALA A 138 -5.85 11.93 -6.80
N SER A 139 -6.47 12.11 -7.99
CA SER A 139 -6.23 13.30 -8.88
C SER A 139 -7.05 14.51 -8.40
N LEU A 140 -8.11 14.28 -7.64
CA LEU A 140 -9.07 15.35 -7.25
C LEU A 140 -8.49 16.26 -6.18
N THR A 141 -8.72 17.57 -6.32
CA THR A 141 -8.40 18.55 -5.25
C THR A 141 -9.00 18.10 -3.92
N SER A 142 -10.24 17.60 -3.89
CA SER A 142 -10.89 17.11 -2.65
C SER A 142 -9.99 16.08 -1.98
N PHE A 143 -9.29 15.21 -2.73
CA PHE A 143 -8.39 14.17 -2.17
C PHE A 143 -7.19 14.84 -1.51
N GLN A 144 -6.59 15.77 -2.21
CA GLN A 144 -5.32 16.40 -1.78
CA GLN A 144 -5.34 16.47 -1.82
C GLN A 144 -5.55 17.22 -0.50
N PHE A 145 -6.72 17.81 -0.33
CA PHE A 145 -7.02 18.62 0.89
C PHE A 145 -7.71 17.80 1.99
N TYR A 146 -7.88 16.48 1.85
CA TYR A 146 -8.62 15.69 2.88
C TYR A 146 -8.12 16.05 4.28
N SER A 147 -8.99 16.14 5.29
CA SER A 147 -8.65 16.38 6.74
C SER A 147 -9.19 15.24 7.62
N LYS A 148 -10.51 15.08 7.60
CA LYS A 148 -11.21 14.11 8.46
C LYS A 148 -12.43 13.60 7.72
N GLY A 149 -13.04 12.60 8.32
CA GLY A 149 -14.32 12.06 7.83
C GLY A 149 -14.03 10.99 6.82
N VAL A 150 -15.09 10.54 6.18
CA VAL A 150 -15.05 9.46 5.16
C VAL A 150 -15.12 10.12 3.78
N TYR A 151 -14.02 10.14 3.08
CA TYR A 151 -13.84 10.77 1.76
C TYR A 151 -14.70 10.12 0.69
N TYR A 152 -15.57 10.91 0.06
CA TYR A 152 -16.34 10.52 -1.14
C TYR A 152 -16.43 11.74 -2.05
N ASP A 153 -16.17 11.58 -3.34
CA ASP A 153 -16.34 12.62 -4.39
C ASP A 153 -16.85 11.94 -5.65
N GLU A 154 -18.10 12.23 -6.04
CA GLU A 154 -18.74 11.61 -7.23
C GLU A 154 -17.89 11.88 -8.48
N SER A 155 -16.99 12.86 -8.50
CA SER A 155 -16.10 13.15 -9.64
C SER A 155 -14.90 12.20 -9.66
N CYS A 156 -14.76 11.32 -8.67
CA CYS A 156 -13.63 10.36 -8.65
C CYS A 156 -13.82 9.36 -9.77
N ASN A 157 -12.73 9.02 -10.45
CA ASN A 157 -12.83 8.24 -11.69
C ASN A 157 -12.20 6.89 -11.48
N SER A 158 -13.02 5.83 -11.32
CA SER A 158 -12.51 4.47 -11.03
C SER A 158 -11.74 3.92 -12.23
N ASP A 159 -11.83 4.51 -13.42
CA ASP A 159 -11.06 4.08 -14.63
C ASP A 159 -9.80 4.97 -14.79
N ASN A 160 -9.52 5.89 -13.87
CA ASN A 160 -8.29 6.73 -13.89
C ASN A 160 -7.44 6.42 -12.65
N LEU A 161 -6.87 5.22 -12.55
CA LEU A 161 -6.03 4.87 -11.37
C LEU A 161 -4.67 5.55 -11.59
N ASN A 162 -4.21 6.37 -10.62
CA ASN A 162 -2.94 7.11 -10.77
C ASN A 162 -2.11 7.07 -9.48
N HIS A 163 -2.58 6.42 -8.42
CA HIS A 163 -1.88 6.47 -7.11
C HIS A 163 -2.02 5.12 -6.42
N ALA A 164 -0.96 4.67 -5.76
CA ALA A 164 -0.91 3.38 -5.07
C ALA A 164 -0.82 3.65 -3.57
N VAL A 165 -1.66 3.01 -2.76
CA VAL A 165 -1.71 3.22 -1.30
C VAL A 165 -1.89 1.84 -0.66
N LEU A 166 -2.16 1.81 0.65
CA LEU A 166 -2.24 0.56 1.40
C LEU A 166 -3.54 0.57 2.20
N ALA A 167 -4.41 -0.42 1.99
CA ALA A 167 -5.59 -0.61 2.86
C ALA A 167 -5.15 -1.39 4.10
N VAL A 168 -5.12 -0.74 5.27
CA VAL A 168 -4.66 -1.36 6.55
C VAL A 168 -5.88 -1.72 7.41
N GLY A 169 -7.07 -1.57 6.88
CA GLY A 169 -8.27 -1.92 7.66
C GLY A 169 -9.48 -1.29 7.03
N TYR A 170 -10.58 -1.36 7.73
CA TYR A 170 -11.89 -0.89 7.25
C TYR A 170 -12.77 -0.75 8.47
N GLY A 171 -13.82 0.04 8.36
CA GLY A 171 -14.73 0.17 9.50
C GLY A 171 -15.95 0.96 9.13
N ILE A 172 -16.58 1.56 10.12
CA ILE A 172 -17.86 2.28 10.00
C ILE A 172 -17.74 3.43 10.97
N GLN A 173 -17.66 4.66 10.47
CA GLN A 173 -17.60 5.90 11.29
C GLN A 173 -18.96 6.57 11.30
N LYS A 174 -19.70 6.40 12.39
CA LYS A 174 -21.04 7.03 12.53
C LYS A 174 -21.89 6.64 11.32
N GLY A 175 -22.01 5.35 11.04
CA GLY A 175 -22.83 4.84 9.94
C GLY A 175 -22.19 4.97 8.55
N ASN A 176 -21.10 5.72 8.37
CA ASN A 176 -20.38 5.81 7.07
C ASN A 176 -19.30 4.72 6.96
N LYS A 177 -19.49 3.74 6.09
CA LYS A 177 -18.52 2.64 5.90
C LYS A 177 -17.25 3.19 5.26
N HIS A 178 -16.08 2.65 5.60
CA HIS A 178 -14.79 3.16 5.07
C HIS A 178 -13.70 2.07 4.98
N TRP A 179 -12.70 2.37 4.18
CA TRP A 179 -11.35 1.76 4.10
C TRP A 179 -10.40 2.70 4.86
N ILE A 180 -9.52 2.13 5.67
CA ILE A 180 -8.44 2.89 6.35
C ILE A 180 -7.21 2.84 5.45
N ILE A 181 -6.81 4.00 4.91
CA ILE A 181 -5.79 4.07 3.82
C ILE A 181 -4.55 4.81 4.33
N LYS A 182 -3.40 4.10 4.28
CA LYS A 182 -2.07 4.66 4.55
C LYS A 182 -1.56 5.27 3.26
N ASN A 183 -1.34 6.58 3.26
CA ASN A 183 -0.68 7.28 2.14
C ASN A 183 0.84 7.33 2.41
N SER A 184 1.63 7.79 1.42
CA SER A 184 3.10 7.92 1.46
C SER A 184 3.46 9.39 1.10
N TRP A 185 2.66 10.33 1.56
CA TRP A 185 2.82 11.79 1.32
C TRP A 185 3.20 12.50 2.62
N GLY A 186 3.73 11.77 3.59
CA GLY A 186 4.19 12.30 4.87
C GLY A 186 3.12 12.27 5.93
N GLU A 187 3.57 12.30 7.19
CA GLU A 187 2.77 12.27 8.44
C GLU A 187 1.84 13.47 8.55
N ASN A 188 2.05 14.53 7.78
CA ASN A 188 1.31 15.80 7.99
C ASN A 188 0.28 15.99 6.85
N TRP A 189 0.24 15.11 5.85
CA TRP A 189 -0.85 15.09 4.84
C TRP A 189 -2.08 14.41 5.47
N GLY A 190 -3.29 14.86 5.14
CA GLY A 190 -4.55 14.17 5.50
C GLY A 190 -4.70 14.12 7.00
N ASN A 191 -5.08 12.98 7.57
CA ASN A 191 -5.17 12.77 9.04
C ASN A 191 -3.95 12.00 9.50
N LYS A 192 -2.83 12.71 9.79
CA LYS A 192 -1.56 12.08 10.19
C LYS A 192 -1.07 11.07 9.12
N GLY A 193 -1.30 11.39 7.85
CA GLY A 193 -0.81 10.57 6.73
C GLY A 193 -1.81 9.55 6.25
N TYR A 194 -3.00 9.49 6.87
CA TYR A 194 -4.07 8.51 6.59
C TYR A 194 -5.29 9.20 6.03
N ILE A 195 -6.11 8.45 5.29
CA ILE A 195 -7.43 8.90 4.78
C ILE A 195 -8.41 7.74 4.97
N LEU A 196 -9.61 8.03 5.45
CA LEU A 196 -10.75 7.08 5.42
C LEU A 196 -11.47 7.29 4.10
N MET A 197 -11.55 6.23 3.30
CA MET A 197 -12.15 6.34 1.94
C MET A 197 -13.44 5.52 1.92
N ALA A 198 -14.48 6.07 1.32
CA ALA A 198 -15.84 5.48 1.32
C ALA A 198 -15.78 4.02 0.86
N ARG A 199 -16.48 3.16 1.58
CA ARG A 199 -16.56 1.72 1.27
C ARG A 199 -18.00 1.35 0.93
N ASN A 200 -18.17 0.46 -0.07
CA ASN A 200 -19.48 0.02 -0.60
C ASN A 200 -20.31 1.23 -1.10
N LYS A 201 -19.66 2.20 -1.74
CA LYS A 201 -20.32 3.29 -2.52
C LYS A 201 -19.90 3.12 -3.97
N ASN A 202 -20.17 1.96 -4.54
CA ASN A 202 -19.94 1.67 -5.97
C ASN A 202 -18.44 1.77 -6.32
N ASN A 203 -17.56 1.16 -5.54
CA ASN A 203 -16.11 1.13 -5.85
C ASN A 203 -15.58 2.56 -6.01
N ALA A 204 -15.80 3.42 -5.02
CA ALA A 204 -15.45 4.84 -5.10
C ALA A 204 -13.93 5.00 -5.32
N CYS A 205 -13.55 5.79 -6.33
CA CYS A 205 -12.13 6.08 -6.71
C CYS A 205 -11.42 4.80 -7.22
N GLY A 206 -12.17 3.71 -7.45
CA GLY A 206 -11.63 2.48 -8.07
C GLY A 206 -10.81 1.66 -7.07
N ILE A 207 -11.09 1.85 -5.77
CA ILE A 207 -10.38 1.22 -4.62
C ILE A 207 -10.20 -0.29 -4.80
N ALA A 208 -11.15 -1.00 -5.41
CA ALA A 208 -11.04 -2.46 -5.60
C ALA A 208 -10.69 -2.82 -7.05
N ASN A 209 -10.19 -1.90 -7.89
CA ASN A 209 -9.94 -2.18 -9.34
C ASN A 209 -8.54 -2.75 -9.57
N LEU A 210 -7.60 -2.54 -8.65
CA LEU A 210 -6.23 -3.07 -8.80
C LEU A 210 -5.62 -3.34 -7.43
N ALA A 211 -6.27 -4.22 -6.67
CA ALA A 211 -5.78 -4.62 -5.34
C ALA A 211 -5.03 -5.96 -5.40
N SER A 212 -3.98 -6.06 -4.62
CA SER A 212 -3.08 -7.23 -4.61
C SER A 212 -2.39 -7.32 -3.27
N PHE A 213 -1.94 -8.51 -2.90
CA PHE A 213 -1.16 -8.72 -1.67
C PHE A 213 -0.13 -9.78 -1.96
N PRO A 214 1.00 -9.75 -1.26
CA PRO A 214 2.04 -10.73 -1.49
C PRO A 214 1.80 -12.00 -0.66
N LYS A 215 2.22 -13.13 -1.21
CA LYS A 215 2.41 -14.41 -0.45
C LYS A 215 3.80 -14.39 0.21
N MET A 216 3.90 -15.00 1.37
CA MET A 216 5.18 -15.08 2.13
C MET A 216 5.21 -16.42 2.88
#